data_1ABW
#
_entry.id   1ABW
#
_cell.length_a   62.900
_cell.length_b   81.980
_cell.length_c   53.920
_cell.angle_alpha   90.00
_cell.angle_beta   98.99
_cell.angle_gamma   90.00
#
_symmetry.space_group_name_H-M   'P 1 21 1'
#
loop_
_entity.id
_entity.type
_entity.pdbx_description
1 polymer 'HEMOGLOBIN-BASED BLOOD SUBSTITUTE'
2 polymer 'HEMOGLOBIN-BASED BLOOD SUBSTITUTE'
3 non-polymer METHIONINE
4 non-polymer LEUCINE
5 non-polymer 'PROTOPORPHYRIN IX CONTAINING FE'
6 water water
#
loop_
_entity_poly.entity_id
_entity_poly.type
_entity_poly.pdbx_seq_one_letter_code
_entity_poly.pdbx_strand_id
1 'polypeptide(L)'
;MLSPADKTNVKAAWGKVGAHAGEYGAEALERMFLSFPTTKTYFPHFDLSHGSAQVKGHGKKVADALTNAVAHVDDMPNAL
SALSDLHAHKLRVDPVNFKLLSHCLLVTLAAHLPAEFTPAVHASLDKFLASVSTVLTSKYRGVLSPADKTNVKAAWGKVG
AHAGEYGAEALERMFLSFPTTKTYFPHFDLSHGSAQVKGHGKKVADALTNAVAHVDDMPNALSALSDLHAHKLRVDPVNF
KLLSHCLLVTLAAHLPAEFTPAVHASLDKFLASVSTVLTSKYR
;
A
2 'polypeptide(L)'
;MHLTPEEKSAVTALWGKVNVDEVGGEALGRLLVVYPWTQRFFESFGDLSTPDAVMGNPKVKAHGKKVLGAFSDGLAHLDN
LKGTFATLSELHCDKLHVDPENFRLLGKVLVCVLAHHFGKEFTPPVQAAYQKVVAGVANALAHKYH
;
B,D
#
# COMPACT_ATOMS: atom_id res chain seq x y z
N MET A 1 -1.70 -16.61 10.40
CA MET A 1 -0.95 -15.46 10.98
C MET A 1 -0.88 -15.47 12.52
N LEU A 2 -2.03 -15.34 13.18
CA LEU A 2 -2.08 -15.28 14.64
C LEU A 2 -1.64 -16.53 15.39
N SER A 3 -0.71 -16.37 16.31
CA SER A 3 -0.24 -17.47 17.13
C SER A 3 -1.17 -17.53 18.38
N PRO A 4 -1.01 -18.53 19.25
CA PRO A 4 -1.90 -18.53 20.42
C PRO A 4 -1.58 -17.38 21.36
N ALA A 5 -0.28 -17.08 21.47
CA ALA A 5 0.20 -15.98 22.31
C ALA A 5 -0.50 -14.71 21.83
N ASP A 6 -0.56 -14.53 20.51
CA ASP A 6 -1.21 -13.37 19.92
C ASP A 6 -2.65 -13.35 20.31
N LYS A 7 -3.32 -14.49 20.25
CA LYS A 7 -4.72 -14.54 20.62
C LYS A 7 -4.95 -14.21 22.09
N THR A 8 -4.06 -14.69 22.96
CA THR A 8 -4.17 -14.40 24.39
C THR A 8 -3.99 -12.90 24.58
N ASN A 9 -3.04 -12.31 23.86
CA ASN A 9 -2.80 -10.87 23.96
C ASN A 9 -4.00 -10.05 23.53
N VAL A 10 -4.56 -10.39 22.38
CA VAL A 10 -5.72 -9.68 21.87
C VAL A 10 -6.88 -9.82 22.84
N LYS A 11 -7.15 -11.06 23.27
CA LYS A 11 -8.25 -11.35 24.21
C LYS A 11 -8.12 -10.48 25.47
N ALA A 12 -6.90 -10.40 25.99
CA ALA A 12 -6.60 -9.63 27.17
C ALA A 12 -6.89 -8.16 26.92
N ALA A 13 -6.26 -7.59 25.89
CA ALA A 13 -6.44 -6.18 25.54
C ALA A 13 -7.90 -5.80 25.28
N TRP A 14 -8.59 -6.57 24.45
CA TRP A 14 -9.96 -6.31 24.12
C TRP A 14 -10.88 -6.49 25.32
N GLY A 15 -10.49 -7.40 26.22
CA GLY A 15 -11.28 -7.63 27.41
C GLY A 15 -11.29 -6.33 28.18
N LYS A 16 -10.09 -5.77 28.37
CA LYS A 16 -9.89 -4.51 29.08
C LYS A 16 -10.71 -3.38 28.43
N VAL A 17 -10.91 -3.45 27.12
CA VAL A 17 -11.68 -2.46 26.37
C VAL A 17 -13.11 -2.53 26.88
N GLY A 18 -13.59 -3.77 27.06
CA GLY A 18 -14.93 -4.01 27.58
C GLY A 18 -16.09 -3.14 27.12
N ALA A 19 -16.74 -2.49 28.08
CA ALA A 19 -17.91 -1.64 27.83
C ALA A 19 -17.63 -0.40 27.02
N HIS A 20 -16.35 -0.13 26.76
CA HIS A 20 -15.97 1.05 26.01
C HIS A 20 -15.82 0.81 24.51
N ALA A 21 -15.88 -0.44 24.07
CA ALA A 21 -15.72 -0.76 22.65
C ALA A 21 -16.44 0.21 21.70
N GLY A 22 -17.69 0.52 22.00
CA GLY A 22 -18.44 1.43 21.16
C GLY A 22 -17.86 2.82 21.11
N GLU A 23 -17.42 3.32 22.25
CA GLU A 23 -16.82 4.65 22.34
C GLU A 23 -15.43 4.69 21.66
N TYR A 24 -14.68 3.60 21.79
CA TYR A 24 -13.38 3.50 21.16
C TYR A 24 -13.55 3.41 19.64
N GLY A 25 -14.58 2.70 19.19
CA GLY A 25 -14.85 2.55 17.76
C GLY A 25 -15.17 3.89 17.11
N ALA A 26 -15.96 4.71 17.80
CA ALA A 26 -16.34 6.03 17.31
C ALA A 26 -15.11 6.92 17.26
N GLU A 27 -14.25 6.82 18.27
CA GLU A 27 -13.02 7.63 18.31
C GLU A 27 -12.08 7.22 17.18
N ALA A 28 -11.95 5.92 16.95
CA ALA A 28 -11.08 5.46 15.88
C ALA A 28 -11.57 6.00 14.53
N LEU A 29 -12.90 5.95 14.31
CA LEU A 29 -13.52 6.47 13.09
C LEU A 29 -13.23 7.97 12.98
N GLU A 30 -13.44 8.70 14.05
CA GLU A 30 -13.17 10.11 13.99
C GLU A 30 -11.70 10.38 13.71
N ARG A 31 -10.82 9.60 14.33
CA ARG A 31 -9.39 9.73 14.11
C ARG A 31 -9.05 9.45 12.62
N MET A 32 -9.76 8.50 12.00
CA MET A 32 -9.52 8.14 10.61
C MET A 32 -9.95 9.23 9.62
N PHE A 33 -11.14 9.78 9.84
CA PHE A 33 -11.67 10.83 8.97
C PHE A 33 -10.79 12.05 9.03
N LEU A 34 -10.18 12.31 10.18
CA LEU A 34 -9.32 13.47 10.34
C LEU A 34 -7.91 13.28 9.82
N SER A 35 -7.28 12.14 10.11
CA SER A 35 -5.92 11.85 9.67
C SER A 35 -5.85 11.47 8.22
N PHE A 36 -6.90 10.80 7.76
CA PHE A 36 -6.98 10.31 6.41
C PHE A 36 -8.31 10.68 5.80
N PRO A 37 -8.44 11.95 5.36
CA PRO A 37 -9.68 12.45 4.76
C PRO A 37 -10.26 11.75 3.54
N THR A 38 -9.44 11.03 2.76
CA THR A 38 -9.95 10.32 1.60
C THR A 38 -10.94 9.26 2.04
N THR A 39 -10.87 8.85 3.30
CA THR A 39 -11.79 7.82 3.80
C THR A 39 -13.24 8.30 3.91
N LYS A 40 -13.43 9.62 3.93
CA LYS A 40 -14.77 10.25 4.01
C LYS A 40 -15.56 10.04 2.73
N THR A 41 -14.86 9.73 1.63
CA THR A 41 -15.55 9.50 0.37
C THR A 41 -16.52 8.35 0.47
N TYR A 42 -16.34 7.47 1.45
CA TYR A 42 -17.25 6.34 1.64
C TYR A 42 -18.45 6.67 2.54
N PHE A 43 -18.43 7.86 3.13
CA PHE A 43 -19.47 8.27 4.05
C PHE A 43 -20.13 9.59 3.67
N PRO A 44 -20.40 9.81 2.37
CA PRO A 44 -21.02 11.10 2.05
C PRO A 44 -22.48 11.22 2.55
N HIS A 45 -23.07 10.12 2.96
CA HIS A 45 -24.44 10.13 3.44
C HIS A 45 -24.52 10.25 4.97
N PHE A 46 -23.39 10.53 5.60
CA PHE A 46 -23.34 10.63 7.04
C PHE A 46 -23.11 12.06 7.44
N ASP A 47 -23.50 12.35 8.68
CA ASP A 47 -23.26 13.62 9.29
C ASP A 47 -21.97 13.16 9.98
N LEU A 48 -20.82 13.69 9.54
CA LEU A 48 -19.54 13.29 10.10
C LEU A 48 -18.99 14.20 11.18
N SER A 49 -19.83 15.10 11.71
CA SER A 49 -19.39 15.99 12.78
C SER A 49 -19.19 15.24 14.09
N HIS A 50 -18.32 15.79 14.92
CA HIS A 50 -17.99 15.17 16.19
C HIS A 50 -19.24 14.85 16.98
N GLY A 51 -19.32 13.60 17.41
CA GLY A 51 -20.44 13.14 18.21
C GLY A 51 -21.75 12.80 17.52
N SER A 52 -21.77 12.81 16.19
CA SER A 52 -23.02 12.50 15.52
C SER A 52 -23.52 11.12 15.91
N ALA A 53 -24.83 10.94 15.94
CA ALA A 53 -25.44 9.66 16.26
C ALA A 53 -24.98 8.63 15.23
N GLN A 54 -24.85 9.06 13.98
CA GLN A 54 -24.42 8.19 12.89
C GLN A 54 -23.01 7.64 13.12
N VAL A 55 -22.08 8.48 13.52
CA VAL A 55 -20.71 8.03 13.78
C VAL A 55 -20.64 7.17 15.05
N LYS A 56 -21.41 7.53 16.05
CA LYS A 56 -21.44 6.77 17.30
C LYS A 56 -22.05 5.43 17.04
N GLY A 57 -23.17 5.44 16.30
CA GLY A 57 -23.86 4.21 15.95
C GLY A 57 -22.95 3.29 15.17
N HIS A 58 -22.33 3.84 14.13
CA HIS A 58 -21.42 3.07 13.32
C HIS A 58 -20.25 2.53 14.15
N GLY A 59 -19.68 3.39 14.99
CA GLY A 59 -18.57 3.00 15.84
C GLY A 59 -18.92 1.75 16.64
N LYS A 60 -20.13 1.71 17.22
CA LYS A 60 -20.59 0.56 18.00
C LYS A 60 -20.71 -0.69 17.12
N LYS A 61 -21.15 -0.55 15.87
CA LYS A 61 -21.25 -1.69 14.97
C LYS A 61 -19.87 -2.21 14.63
N VAL A 62 -18.93 -1.31 14.35
CA VAL A 62 -17.57 -1.71 14.06
C VAL A 62 -16.93 -2.47 15.27
N ALA A 63 -17.03 -1.90 16.47
CA ALA A 63 -16.49 -2.53 17.69
C ALA A 63 -17.16 -3.87 17.98
N ASP A 64 -18.49 -3.97 17.81
CA ASP A 64 -19.21 -5.23 18.04
C ASP A 64 -18.70 -6.31 17.07
N ALA A 65 -18.32 -5.88 15.87
CA ALA A 65 -17.77 -6.76 14.85
C ALA A 65 -16.35 -7.22 15.25
N LEU A 66 -15.56 -6.34 15.84
CA LEU A 66 -14.23 -6.73 16.28
C LEU A 66 -14.38 -7.62 17.52
N THR A 67 -15.38 -7.35 18.37
CA THR A 67 -15.60 -8.20 19.55
C THR A 67 -15.97 -9.61 19.08
N ASN A 68 -16.82 -9.67 18.05
CA ASN A 68 -17.24 -10.93 17.46
C ASN A 68 -16.00 -11.63 16.93
N ALA A 69 -15.12 -10.87 16.28
CA ALA A 69 -13.89 -11.41 15.73
C ALA A 69 -12.96 -11.93 16.84
N VAL A 70 -12.86 -11.21 17.95
CA VAL A 70 -12.01 -11.66 19.06
C VAL A 70 -12.56 -12.96 19.66
N ALA A 71 -13.89 -12.97 19.85
CA ALA A 71 -14.63 -14.11 20.40
C ALA A 71 -14.54 -15.34 19.48
N HIS A 72 -14.27 -15.12 18.20
CA HIS A 72 -14.17 -16.23 17.27
C HIS A 72 -12.89 -16.04 16.51
N VAL A 73 -11.83 -15.78 17.24
CA VAL A 73 -10.54 -15.53 16.64
C VAL A 73 -9.99 -16.70 15.87
N ASP A 74 -10.35 -17.91 16.27
CA ASP A 74 -9.85 -19.09 15.56
C ASP A 74 -10.68 -19.42 14.31
N ASP A 75 -11.81 -18.76 14.17
CA ASP A 75 -12.71 -18.99 13.06
C ASP A 75 -13.20 -17.65 12.47
N MET A 76 -12.28 -16.74 12.16
CA MET A 76 -12.65 -15.44 11.63
C MET A 76 -13.41 -15.41 10.33
N PRO A 77 -12.94 -16.18 9.34
CA PRO A 77 -13.66 -16.18 8.07
C PRO A 77 -15.16 -16.41 8.22
N ASN A 78 -15.55 -17.39 9.04
CA ASN A 78 -16.96 -17.67 9.21
C ASN A 78 -17.70 -16.66 10.04
N ALA A 79 -17.10 -16.23 11.14
CA ALA A 79 -17.72 -15.25 12.03
C ALA A 79 -18.04 -13.93 11.34
N LEU A 80 -17.16 -13.52 10.42
CA LEU A 80 -17.29 -12.24 9.70
C LEU A 80 -17.82 -12.36 8.26
N SER A 81 -18.23 -13.56 7.86
CA SER A 81 -18.69 -13.80 6.50
C SER A 81 -19.70 -12.81 5.97
N ALA A 82 -20.74 -12.48 6.73
CA ALA A 82 -21.71 -11.51 6.23
C ALA A 82 -21.06 -10.15 6.01
N LEU A 83 -20.09 -9.81 6.85
CA LEU A 83 -19.41 -8.54 6.73
C LEU A 83 -18.50 -8.50 5.52
N SER A 84 -17.79 -9.58 5.23
CA SER A 84 -16.93 -9.59 4.06
C SER A 84 -17.79 -9.51 2.78
N ASP A 85 -18.98 -10.11 2.83
CA ASP A 85 -19.87 -10.08 1.69
C ASP A 85 -20.35 -8.65 1.45
N LEU A 86 -20.74 -7.99 2.53
CA LEU A 86 -21.24 -6.63 2.47
C LEU A 86 -20.17 -5.67 1.97
N HIS A 87 -18.93 -5.88 2.39
CA HIS A 87 -17.89 -4.98 1.96
C HIS A 87 -17.44 -5.28 0.54
N ALA A 88 -17.35 -6.56 0.19
CA ALA A 88 -16.89 -6.93 -1.13
C ALA A 88 -17.88 -6.63 -2.22
N HIS A 89 -19.16 -6.88 -1.94
CA HIS A 89 -20.23 -6.70 -2.93
C HIS A 89 -21.09 -5.48 -2.90
N LYS A 90 -21.34 -4.91 -1.73
CA LYS A 90 -22.19 -3.75 -1.66
C LYS A 90 -21.41 -2.48 -1.50
N LEU A 91 -20.67 -2.42 -0.41
CA LEU A 91 -19.88 -1.25 -0.07
C LEU A 91 -18.73 -1.00 -1.02
N ARG A 92 -17.98 -2.07 -1.29
CA ARG A 92 -16.82 -2.03 -2.19
C ARG A 92 -15.80 -0.98 -1.83
N VAL A 93 -15.42 -1.00 -0.56
CA VAL A 93 -14.43 -0.08 -0.03
C VAL A 93 -13.09 -0.55 -0.55
N ASP A 94 -12.29 0.34 -1.14
CA ASP A 94 -10.99 -0.10 -1.61
C ASP A 94 -10.23 -0.67 -0.40
N PRO A 95 -9.56 -1.81 -0.57
CA PRO A 95 -8.82 -2.45 0.49
C PRO A 95 -7.75 -1.64 1.18
N VAL A 96 -7.21 -0.64 0.51
CA VAL A 96 -6.18 0.18 1.14
C VAL A 96 -6.69 0.88 2.38
N ASN A 97 -8.00 1.11 2.43
CA ASN A 97 -8.61 1.82 3.56
C ASN A 97 -8.65 1.06 4.87
N PHE A 98 -8.62 -0.28 4.81
CA PHE A 98 -8.65 -1.10 6.02
C PHE A 98 -7.39 -0.90 6.87
N LYS A 99 -6.24 -0.72 6.22
CA LYS A 99 -4.98 -0.49 6.95
C LYS A 99 -5.10 0.83 7.70
N LEU A 100 -5.81 1.80 7.09
CA LEU A 100 -6.00 3.11 7.68
C LEU A 100 -6.87 3.08 8.93
N LEU A 101 -7.98 2.37 8.87
CA LEU A 101 -8.82 2.27 10.05
C LEU A 101 -8.08 1.43 11.11
N SER A 102 -7.32 0.40 10.71
CA SER A 102 -6.55 -0.44 11.66
C SER A 102 -5.53 0.35 12.45
N HIS A 103 -4.79 1.23 11.77
CA HIS A 103 -3.83 2.11 12.41
C HIS A 103 -4.56 3.00 13.43
N CYS A 104 -5.70 3.59 13.05
CA CYS A 104 -6.47 4.46 13.95
C CYS A 104 -7.09 3.75 15.17
N LEU A 105 -7.43 2.47 15.03
CA LEU A 105 -7.95 1.66 16.14
C LEU A 105 -6.78 1.41 17.06
N LEU A 106 -5.62 1.13 16.48
CA LEU A 106 -4.39 0.88 17.25
C LEU A 106 -3.98 2.13 18.07
N VAL A 107 -4.05 3.31 17.44
CA VAL A 107 -3.71 4.54 18.13
C VAL A 107 -4.74 4.76 19.24
N THR A 108 -6.02 4.45 18.98
CA THR A 108 -7.08 4.62 19.99
C THR A 108 -6.84 3.71 21.21
N LEU A 109 -6.53 2.46 20.94
CA LEU A 109 -6.25 1.50 22.01
C LEU A 109 -5.01 1.96 22.80
N ALA A 110 -3.98 2.43 22.10
CA ALA A 110 -2.78 2.93 22.76
C ALA A 110 -3.09 4.06 23.76
N ALA A 111 -3.96 4.99 23.35
CA ALA A 111 -4.33 6.15 24.17
C ALA A 111 -5.21 5.78 25.35
N HIS A 112 -5.81 4.61 25.31
CA HIS A 112 -6.71 4.23 26.38
C HIS A 112 -6.21 3.11 27.26
N LEU A 113 -5.25 2.34 26.77
CA LEU A 113 -4.73 1.22 27.54
C LEU A 113 -3.28 1.42 27.86
N PRO A 114 -2.93 2.38 28.74
CA PRO A 114 -1.51 2.61 29.08
C PRO A 114 -0.77 1.39 29.68
N ALA A 115 -1.44 0.65 30.55
CA ALA A 115 -0.81 -0.50 31.20
C ALA A 115 -0.67 -1.67 30.27
N GLU A 116 -1.71 -1.93 29.49
CA GLU A 116 -1.80 -3.07 28.58
C GLU A 116 -1.07 -2.99 27.24
N PHE A 117 -0.89 -1.79 26.70
CA PHE A 117 -0.23 -1.63 25.41
C PHE A 117 1.29 -1.76 25.42
N THR A 118 1.80 -2.95 25.72
CA THR A 118 3.24 -3.20 25.76
C THR A 118 3.70 -3.52 24.35
N PRO A 119 5.02 -3.62 24.12
CA PRO A 119 5.43 -3.93 22.75
C PRO A 119 4.86 -5.24 22.20
N ALA A 120 4.76 -6.27 23.03
CA ALA A 120 4.24 -7.54 22.55
C ALA A 120 2.77 -7.47 22.20
N VAL A 121 1.97 -6.76 22.99
CA VAL A 121 0.55 -6.63 22.74
C VAL A 121 0.34 -5.78 21.50
N HIS A 122 1.15 -4.75 21.36
CA HIS A 122 1.07 -3.86 20.21
C HIS A 122 1.27 -4.72 18.94
N ALA A 123 2.29 -5.58 18.94
CA ALA A 123 2.55 -6.44 17.80
C ALA A 123 1.38 -7.38 17.55
N SER A 124 0.77 -7.93 18.60
CA SER A 124 -0.34 -8.86 18.43
C SER A 124 -1.61 -8.20 17.88
N LEU A 125 -1.94 -7.03 18.42
CA LEU A 125 -3.10 -6.32 17.97
C LEU A 125 -2.92 -5.91 16.51
N ASP A 126 -1.69 -5.54 16.14
CA ASP A 126 -1.44 -5.13 14.77
C ASP A 126 -1.68 -6.31 13.83
N LYS A 127 -1.20 -7.48 14.22
CA LYS A 127 -1.40 -8.67 13.40
C LYS A 127 -2.88 -9.03 13.39
N PHE A 128 -3.54 -8.91 14.53
CA PHE A 128 -4.97 -9.22 14.59
C PHE A 128 -5.76 -8.36 13.61
N LEU A 129 -5.52 -7.05 13.62
CA LEU A 129 -6.23 -6.11 12.74
C LEU A 129 -5.93 -6.40 11.26
N ALA A 130 -4.67 -6.73 10.95
CA ALA A 130 -4.28 -7.08 9.59
C ALA A 130 -5.03 -8.35 9.17
N SER A 131 -5.31 -9.26 10.09
CA SER A 131 -6.06 -10.47 9.77
C SER A 131 -7.54 -10.17 9.55
N VAL A 132 -8.09 -9.28 10.37
CA VAL A 132 -9.49 -8.90 10.20
C VAL A 132 -9.64 -8.22 8.84
N SER A 133 -8.69 -7.35 8.52
CA SER A 133 -8.71 -6.63 7.26
C SER A 133 -8.68 -7.63 6.11
N THR A 134 -7.77 -8.60 6.20
CA THR A 134 -7.64 -9.64 5.18
C THR A 134 -8.95 -10.43 5.02
N VAL A 135 -9.61 -10.75 6.13
CA VAL A 135 -10.87 -11.48 6.05
C VAL A 135 -11.96 -10.63 5.36
N LEU A 136 -12.09 -9.36 5.75
CA LEU A 136 -13.12 -8.48 5.17
C LEU A 136 -12.90 -8.15 3.71
N THR A 137 -11.69 -8.41 3.24
CA THR A 137 -11.27 -8.12 1.88
C THR A 137 -11.10 -9.34 1.00
N SER A 138 -11.25 -10.52 1.59
CA SER A 138 -11.04 -11.78 0.86
C SER A 138 -11.98 -12.08 -0.28
N LYS A 139 -13.21 -11.60 -0.19
CA LYS A 139 -14.17 -11.86 -1.24
C LYS A 139 -14.29 -10.79 -2.31
N TYR A 140 -13.39 -9.82 -2.33
N TYR A 140 -13.43 -9.83 -2.46
CA TYR A 140 -13.42 -8.76 -3.34
CA TYR A 140 -13.47 -8.70 -3.44
C TYR A 140 -13.27 -9.35 -4.76
C TYR A 140 -13.31 -9.14 -4.88
N ARG A 141 -12.33 -10.28 -4.86
N ARG A 141 -12.49 -10.16 -5.11
CA ARG A 141 -12.03 -11.00 -6.10
CA ARG A 141 -12.24 -10.65 -6.46
C ARG A 141 -12.01 -12.50 -5.74
C ARG A 141 -12.37 -12.14 -6.67
N GLY A 142 -11.75 -12.82 -4.46
CA GLY A 142 -11.72 -14.20 -3.96
C GLY A 142 -10.44 -14.99 -4.16
N VAL A 143 -10.49 -16.29 -3.87
CA VAL A 143 -9.33 -17.16 -4.10
C VAL A 143 -9.37 -17.49 -5.61
N LEU A 144 -8.39 -18.24 -6.10
CA LEU A 144 -8.35 -18.57 -7.52
C LEU A 144 -9.43 -19.55 -7.98
N SER A 145 -10.29 -19.15 -8.90
CA SER A 145 -11.33 -20.04 -9.41
C SER A 145 -10.77 -20.96 -10.52
N PRO A 146 -11.56 -21.96 -10.97
CA PRO A 146 -11.07 -22.86 -12.02
C PRO A 146 -10.81 -22.08 -13.31
N ALA A 147 -11.63 -21.08 -13.61
CA ALA A 147 -11.42 -20.26 -14.81
C ALA A 147 -10.08 -19.53 -14.63
N ASP A 148 -9.82 -19.00 -13.42
CA ASP A 148 -8.55 -18.31 -13.13
C ASP A 148 -7.38 -19.22 -13.32
N LYS A 149 -7.46 -20.41 -12.72
CA LYS A 149 -6.37 -21.38 -12.81
C LYS A 149 -6.14 -21.82 -14.21
N THR A 150 -7.21 -21.94 -14.98
CA THR A 150 -7.13 -22.31 -16.39
C THR A 150 -6.44 -21.20 -17.19
N ASN A 151 -6.79 -19.93 -16.92
CA ASN A 151 -6.23 -18.74 -17.60
C ASN A 151 -4.75 -18.60 -17.31
N VAL A 152 -4.38 -18.78 -16.05
CA VAL A 152 -2.98 -18.68 -15.65
C VAL A 152 -2.16 -19.77 -16.33
N LYS A 153 -2.65 -21.01 -16.32
CA LYS A 153 -1.93 -22.12 -16.97
C LYS A 153 -1.79 -21.89 -18.46
N ALA A 154 -2.86 -21.45 -19.12
CA ALA A 154 -2.79 -21.16 -20.54
C ALA A 154 -1.75 -20.06 -20.83
N ALA A 155 -1.82 -18.93 -20.11
CA ALA A 155 -0.87 -17.84 -20.32
C ALA A 155 0.56 -18.21 -19.98
N TRP A 156 0.78 -18.91 -18.87
CA TRP A 156 2.12 -19.32 -18.50
C TRP A 156 2.68 -20.35 -19.50
N GLY A 157 1.78 -21.14 -20.08
CA GLY A 157 2.17 -22.11 -21.08
C GLY A 157 2.84 -21.44 -22.28
N LYS A 158 2.21 -20.38 -22.82
CA LYS A 158 2.72 -19.61 -23.97
C LYS A 158 4.09 -18.98 -23.64
N VAL A 159 4.32 -18.68 -22.36
CA VAL A 159 5.59 -18.11 -21.90
C VAL A 159 6.64 -19.18 -22.15
N GLY A 160 6.40 -20.37 -21.59
CA GLY A 160 7.28 -21.51 -21.77
C GLY A 160 8.76 -21.27 -21.59
N ALA A 161 9.53 -21.52 -22.64
CA ALA A 161 10.97 -21.36 -22.56
C ALA A 161 11.44 -19.92 -22.42
N HIS A 162 10.54 -18.97 -22.60
CA HIS A 162 10.93 -17.56 -22.47
C HIS A 162 10.85 -17.06 -21.02
N ALA A 163 10.33 -17.91 -20.14
CA ALA A 163 10.13 -17.58 -18.73
C ALA A 163 11.26 -16.83 -18.04
N GLY A 164 12.50 -17.32 -18.19
CA GLY A 164 13.65 -16.68 -17.55
C GLY A 164 13.99 -15.34 -18.14
N GLU A 165 13.86 -15.20 -19.43
CA GLU A 165 14.13 -13.96 -20.14
C GLU A 165 13.08 -12.90 -19.71
N TYR A 166 11.83 -13.33 -19.52
CA TYR A 166 10.74 -12.46 -19.05
C TYR A 166 10.90 -12.09 -17.57
N GLY A 167 11.48 -12.98 -16.78
CA GLY A 167 11.73 -12.72 -15.37
C GLY A 167 12.80 -11.65 -15.29
N ALA A 168 13.82 -11.76 -16.13
CA ALA A 168 14.89 -10.77 -16.14
C ALA A 168 14.36 -9.41 -16.58
N GLU A 169 13.48 -9.38 -17.58
CA GLU A 169 12.92 -8.13 -18.08
C GLU A 169 12.05 -7.51 -17.02
N ALA A 170 11.31 -8.35 -16.29
CA ALA A 170 10.44 -7.89 -15.22
C ALA A 170 11.24 -7.23 -14.11
N LEU A 171 12.40 -7.80 -13.80
CA LEU A 171 13.28 -7.22 -12.76
C LEU A 171 13.82 -5.88 -13.26
N GLU A 172 14.22 -5.83 -14.53
CA GLU A 172 14.75 -4.61 -15.12
C GLU A 172 13.70 -3.56 -15.10
N ARG A 173 12.47 -3.93 -15.46
CA ARG A 173 11.37 -2.98 -15.44
C ARG A 173 11.15 -2.46 -14.02
N MET A 174 11.23 -3.36 -13.05
CA MET A 174 11.03 -3.01 -11.65
C MET A 174 12.11 -2.05 -11.15
N PHE A 175 13.37 -2.34 -11.44
CA PHE A 175 14.48 -1.49 -11.00
C PHE A 175 14.41 -0.10 -11.57
N LEU A 176 14.05 0.02 -12.84
CA LEU A 176 13.93 1.31 -13.48
C LEU A 176 12.70 2.10 -13.03
N SER A 177 11.54 1.44 -12.91
CA SER A 177 10.28 2.08 -12.52
C SER A 177 10.10 2.37 -11.06
N PHE A 178 10.67 1.50 -10.24
CA PHE A 178 10.58 1.55 -8.79
C PHE A 178 11.98 1.40 -8.20
N PRO A 179 12.77 2.49 -8.29
CA PRO A 179 14.14 2.61 -7.83
C PRO A 179 14.37 2.12 -6.41
N THR A 180 13.39 2.26 -5.54
CA THR A 180 13.62 1.82 -4.18
C THR A 180 13.87 0.31 -4.07
N THR A 181 13.36 -0.46 -5.01
CA THR A 181 13.57 -1.93 -4.98
C THR A 181 15.04 -2.27 -5.14
N LYS A 182 15.83 -1.35 -5.69
CA LYS A 182 17.27 -1.61 -5.85
C LYS A 182 18.01 -1.71 -4.53
N THR A 183 17.39 -1.24 -3.45
CA THR A 183 18.06 -1.28 -2.15
C THR A 183 18.32 -2.70 -1.67
N TYR A 184 17.62 -3.67 -2.24
CA TYR A 184 17.82 -5.05 -1.81
C TYR A 184 18.91 -5.78 -2.58
N PHE A 185 19.44 -5.11 -3.60
CA PHE A 185 20.48 -5.68 -4.45
C PHE A 185 21.72 -4.80 -4.59
N PRO A 186 22.34 -4.39 -3.45
CA PRO A 186 23.53 -3.54 -3.55
C PRO A 186 24.79 -4.28 -4.03
N HIS A 187 24.70 -5.61 -4.02
CA HIS A 187 25.80 -6.48 -4.43
C HIS A 187 25.74 -6.85 -5.92
N PHE A 188 24.66 -6.43 -6.59
CA PHE A 188 24.45 -6.74 -8.00
C PHE A 188 24.88 -5.62 -8.92
N ASP A 189 25.20 -5.98 -10.15
CA ASP A 189 25.47 -5.00 -11.17
C ASP A 189 24.04 -4.95 -11.77
N LEU A 190 23.39 -3.79 -11.74
CA LEU A 190 22.03 -3.68 -12.23
C LEU A 190 21.92 -3.09 -13.58
N SER A 191 23.03 -2.91 -14.27
CA SER A 191 22.96 -2.34 -15.60
C SER A 191 22.21 -3.24 -16.54
N HIS A 192 21.67 -2.65 -17.59
CA HIS A 192 20.95 -3.41 -18.57
C HIS A 192 21.90 -4.48 -19.13
N GLY A 193 21.38 -5.70 -19.30
CA GLY A 193 22.17 -6.76 -19.86
C GLY A 193 22.95 -7.53 -18.83
N SER A 194 22.85 -7.12 -17.56
CA SER A 194 23.59 -7.77 -16.48
C SER A 194 23.28 -9.21 -16.35
N ALA A 195 24.33 -10.01 -16.28
CA ALA A 195 24.21 -11.43 -16.13
C ALA A 195 23.65 -11.77 -14.73
N GLN A 196 23.93 -10.93 -13.74
CA GLN A 196 23.42 -11.20 -12.40
C GLN A 196 21.91 -11.06 -12.41
N VAL A 197 21.40 -10.01 -13.07
CA VAL A 197 19.96 -9.79 -13.20
C VAL A 197 19.33 -10.92 -14.02
N LYS A 198 19.98 -11.29 -15.11
CA LYS A 198 19.51 -12.38 -15.96
C LYS A 198 19.42 -13.66 -15.15
N GLY A 199 20.45 -13.95 -14.36
CA GLY A 199 20.47 -15.15 -13.55
C GLY A 199 19.41 -15.12 -12.49
N HIS A 200 19.25 -13.97 -11.87
CA HIS A 200 18.24 -13.88 -10.84
C HIS A 200 16.86 -13.96 -11.45
N GLY A 201 16.69 -13.32 -12.61
CA GLY A 201 15.40 -13.35 -13.28
C GLY A 201 14.97 -14.77 -13.59
N LYS A 202 15.95 -15.60 -13.91
CA LYS A 202 15.68 -17.00 -14.21
C LYS A 202 15.19 -17.69 -12.95
N LYS A 203 15.75 -17.34 -11.80
CA LYS A 203 15.33 -17.95 -10.53
C LYS A 203 13.90 -17.59 -10.15
N VAL A 204 13.54 -16.32 -10.34
CA VAL A 204 12.19 -15.84 -10.04
C VAL A 204 11.19 -16.55 -10.94
N ALA A 205 11.56 -16.63 -12.22
CA ALA A 205 10.72 -17.25 -13.23
C ALA A 205 10.49 -18.72 -12.92
N ASP A 206 11.53 -19.44 -12.53
CA ASP A 206 11.41 -20.85 -12.19
C ASP A 206 10.55 -21.02 -10.94
N ALA A 207 10.60 -20.09 -9.99
CA ALA A 207 9.77 -20.21 -8.80
C ALA A 207 8.33 -20.06 -9.19
N LEU A 208 8.04 -19.12 -10.08
CA LEU A 208 6.67 -18.89 -10.56
C LEU A 208 6.17 -20.09 -11.38
N THR A 209 7.04 -20.65 -12.22
CA THR A 209 6.66 -21.83 -13.03
C THR A 209 6.26 -22.91 -12.04
N ASN A 210 7.04 -23.03 -10.96
CA ASN A 210 6.78 -24.00 -9.89
C ASN A 210 5.44 -23.69 -9.21
N ALA A 211 5.13 -22.40 -9.01
CA ALA A 211 3.88 -22.00 -8.38
C ALA A 211 2.67 -22.27 -9.26
N VAL A 212 2.85 -22.14 -10.56
CA VAL A 212 1.77 -22.39 -11.53
C VAL A 212 1.45 -23.90 -11.51
N ALA A 213 2.50 -24.70 -11.48
CA ALA A 213 2.38 -26.16 -11.45
C ALA A 213 1.69 -26.62 -10.17
N HIS A 214 1.96 -25.93 -9.08
CA HIS A 214 1.37 -26.25 -7.80
C HIS A 214 0.39 -25.18 -7.40
N VAL A 215 -0.40 -24.72 -8.34
CA VAL A 215 -1.33 -23.66 -8.03
C VAL A 215 -2.32 -23.95 -6.89
N ASP A 216 -2.64 -25.22 -6.67
CA ASP A 216 -3.58 -25.59 -5.59
C ASP A 216 -2.86 -25.91 -4.27
N ASP A 217 -1.53 -25.96 -4.32
CA ASP A 217 -0.67 -26.27 -3.15
C ASP A 217 0.52 -25.28 -3.07
N MET A 218 0.24 -24.00 -3.28
CA MET A 218 1.28 -22.96 -3.29
C MET A 218 2.08 -22.76 -2.01
N PRO A 219 1.39 -22.72 -0.85
CA PRO A 219 2.12 -22.51 0.41
C PRO A 219 3.24 -23.52 0.66
N ASN A 220 3.08 -24.75 0.21
CA ASN A 220 4.12 -25.70 0.43
C ASN A 220 5.16 -25.59 -0.63
N ALA A 221 4.72 -25.36 -1.86
CA ALA A 221 5.67 -25.23 -2.97
C ALA A 221 6.63 -24.07 -2.77
N LEU A 222 6.16 -23.02 -2.12
CA LEU A 222 6.94 -21.82 -1.91
C LEU A 222 7.47 -21.68 -0.50
N SER A 223 7.25 -22.70 0.32
CA SER A 223 7.66 -22.67 1.73
C SER A 223 9.08 -22.21 1.99
N ALA A 224 10.06 -22.77 1.26
CA ALA A 224 11.45 -22.38 1.47
C ALA A 224 11.67 -20.94 1.04
N LEU A 225 10.94 -20.49 0.02
CA LEU A 225 11.09 -19.13 -0.45
C LEU A 225 10.50 -18.16 0.56
N SER A 226 9.40 -18.57 1.20
CA SER A 226 8.77 -17.76 2.23
C SER A 226 9.69 -17.57 3.40
N ASP A 227 10.38 -18.64 3.80
CA ASP A 227 11.33 -18.60 4.93
C ASP A 227 12.44 -17.66 4.58
N LEU A 228 12.99 -17.85 3.38
CA LEU A 228 14.08 -17.06 2.90
C LEU A 228 13.79 -15.56 2.88
N HIS A 229 12.64 -15.16 2.32
CA HIS A 229 12.32 -13.74 2.24
C HIS A 229 11.96 -13.17 3.61
N ALA A 230 11.23 -13.96 4.39
CA ALA A 230 10.80 -13.57 5.72
C ALA A 230 11.89 -13.40 6.75
N HIS A 231 12.84 -14.33 6.79
CA HIS A 231 13.86 -14.30 7.80
C HIS A 231 15.28 -13.99 7.41
N LYS A 232 15.62 -14.19 6.15
CA LYS A 232 16.96 -13.90 5.72
C LYS A 232 17.03 -12.61 4.89
N LEU A 233 16.28 -12.54 3.79
CA LEU A 233 16.29 -11.36 2.94
C LEU A 233 15.52 -10.23 3.56
N ARG A 234 14.42 -10.58 4.19
CA ARG A 234 13.57 -9.63 4.89
C ARG A 234 13.11 -8.42 4.03
N VAL A 235 12.66 -8.74 2.82
CA VAL A 235 12.16 -7.78 1.86
C VAL A 235 10.82 -7.22 2.35
N ASP A 236 10.72 -5.91 2.45
CA ASP A 236 9.46 -5.36 2.89
C ASP A 236 8.39 -5.81 1.95
N PRO A 237 7.27 -6.29 2.49
CA PRO A 237 6.09 -6.78 1.78
C PRO A 237 5.56 -5.92 0.63
N VAL A 238 5.61 -4.59 0.75
CA VAL A 238 5.13 -3.70 -0.32
C VAL A 238 5.80 -3.92 -1.66
N ASN A 239 7.04 -4.39 -1.63
CA ASN A 239 7.76 -4.59 -2.87
C ASN A 239 7.26 -5.71 -3.73
N PHE A 240 6.58 -6.67 -3.11
CA PHE A 240 6.05 -7.78 -3.89
C PHE A 240 4.99 -7.31 -4.89
N LYS A 241 4.23 -6.27 -4.55
CA LYS A 241 3.20 -5.75 -5.45
C LYS A 241 3.82 -5.04 -6.63
N LEU A 242 5.03 -4.52 -6.41
CA LEU A 242 5.73 -3.79 -7.47
C LEU A 242 6.30 -4.78 -8.49
N LEU A 243 6.88 -5.88 -8.02
CA LEU A 243 7.41 -6.89 -8.96
C LEU A 243 6.20 -7.57 -9.67
N SER A 244 5.08 -7.77 -8.98
CA SER A 244 3.91 -8.39 -9.60
C SER A 244 3.45 -7.50 -10.72
N HIS A 245 3.38 -6.19 -10.49
CA HIS A 245 2.96 -5.26 -11.52
C HIS A 245 3.86 -5.37 -12.74
N CYS A 246 5.18 -5.38 -12.52
CA CYS A 246 6.18 -5.45 -13.59
C CYS A 246 6.16 -6.76 -14.36
N LEU A 247 5.84 -7.85 -13.68
CA LEU A 247 5.70 -9.16 -14.33
C LEU A 247 4.47 -9.05 -15.27
N LEU A 248 3.37 -8.45 -14.80
CA LEU A 248 2.13 -8.30 -15.62
C LEU A 248 2.42 -7.47 -16.86
N VAL A 249 3.20 -6.40 -16.71
CA VAL A 249 3.56 -5.55 -17.84
C VAL A 249 4.40 -6.33 -18.84
N THR A 250 5.30 -7.16 -18.35
CA THR A 250 6.14 -7.97 -19.21
C THR A 250 5.28 -8.98 -19.98
N LEU A 251 4.31 -9.59 -19.30
CA LEU A 251 3.41 -10.55 -19.93
C LEU A 251 2.58 -9.87 -21.00
N ALA A 252 2.08 -8.67 -20.70
CA ALA A 252 1.30 -7.91 -21.66
C ALA A 252 2.12 -7.55 -22.87
N ALA A 253 3.40 -7.18 -22.64
CA ALA A 253 4.27 -6.78 -23.74
C ALA A 253 4.59 -7.92 -24.65
N HIS A 254 4.50 -9.13 -24.13
CA HIS A 254 4.83 -10.32 -24.90
C HIS A 254 3.68 -11.23 -25.32
N LEU A 255 2.49 -11.02 -24.79
CA LEU A 255 1.39 -11.88 -25.19
C LEU A 255 0.32 -11.04 -25.83
N PRO A 256 0.51 -10.58 -27.07
CA PRO A 256 -0.53 -9.77 -27.68
C PRO A 256 -1.89 -10.45 -27.75
N ALA A 257 -1.92 -11.73 -28.05
CA ALA A 257 -3.20 -12.40 -28.16
C ALA A 257 -3.79 -12.92 -26.87
N GLU A 258 -2.99 -13.50 -26.00
CA GLU A 258 -3.53 -14.05 -24.78
C GLU A 258 -3.83 -13.13 -23.61
N PHE A 259 -3.27 -11.92 -23.61
CA PHE A 259 -3.50 -10.99 -22.48
C PHE A 259 -4.87 -10.28 -22.55
N THR A 260 -5.93 -11.07 -22.59
CA THR A 260 -7.28 -10.51 -22.67
C THR A 260 -7.65 -9.97 -21.31
N PRO A 261 -8.76 -9.22 -21.22
CA PRO A 261 -9.12 -8.69 -19.90
C PRO A 261 -9.33 -9.77 -18.83
N ALA A 262 -9.94 -10.88 -19.21
CA ALA A 262 -10.17 -11.95 -18.26
C ALA A 262 -8.86 -12.59 -17.82
N VAL A 263 -7.90 -12.76 -18.73
CA VAL A 263 -6.63 -13.37 -18.38
C VAL A 263 -5.84 -12.42 -17.51
N HIS A 264 -5.96 -11.14 -17.79
CA HIS A 264 -5.28 -10.08 -17.03
C HIS A 264 -5.77 -10.19 -15.58
N ALA A 265 -7.08 -10.30 -15.39
CA ALA A 265 -7.63 -10.38 -14.06
C ALA A 265 -7.19 -11.64 -13.35
N SER A 266 -7.08 -12.76 -14.07
CA SER A 266 -6.65 -14.00 -13.45
C SER A 266 -5.19 -13.95 -13.03
N LEU A 267 -4.34 -13.37 -13.88
CA LEU A 267 -2.93 -13.29 -13.58
C LEU A 267 -2.67 -12.35 -12.40
N ASP A 268 -3.43 -11.28 -12.30
CA ASP A 268 -3.25 -10.35 -11.22
C ASP A 268 -3.62 -11.04 -9.92
N LYS A 269 -4.70 -11.80 -9.92
CA LYS A 269 -5.11 -12.54 -8.74
C LYS A 269 -4.06 -13.56 -8.41
N PHE A 270 -3.52 -14.23 -9.42
CA PHE A 270 -2.49 -15.24 -9.18
C PHE A 270 -1.23 -14.64 -8.52
N LEU A 271 -0.73 -13.53 -9.07
CA LEU A 271 0.44 -12.86 -8.52
C LEU A 271 0.18 -12.32 -7.12
N ALA A 272 -1.03 -11.87 -6.83
CA ALA A 272 -1.32 -11.42 -5.48
C ALA A 272 -1.31 -12.64 -4.55
N SER A 273 -1.66 -13.83 -5.06
CA SER A 273 -1.66 -15.03 -4.23
C SER A 273 -0.25 -15.44 -3.94
N VAL A 274 0.62 -15.42 -4.96
CA VAL A 274 2.02 -15.77 -4.76
C VAL A 274 2.64 -14.80 -3.75
N SER A 275 2.28 -13.52 -3.85
CA SER A 275 2.78 -12.48 -2.93
C SER A 275 2.34 -12.74 -1.49
N THR A 276 1.08 -13.07 -1.30
CA THR A 276 0.56 -13.36 0.03
C THR A 276 1.30 -14.51 0.62
N VAL A 277 1.56 -15.52 -0.19
CA VAL A 277 2.29 -16.69 0.27
C VAL A 277 3.73 -16.33 0.64
N LEU A 278 4.42 -15.60 -0.23
CA LEU A 278 5.80 -15.24 0.04
C LEU A 278 6.03 -14.37 1.27
N THR A 279 4.95 -13.78 1.77
CA THR A 279 5.02 -12.89 2.92
C THR A 279 4.28 -13.40 4.17
N SER A 280 3.70 -14.59 4.10
CA SER A 280 2.94 -15.11 5.21
C SER A 280 3.71 -15.41 6.48
N LYS A 281 5.02 -15.59 6.37
CA LYS A 281 5.84 -15.93 7.52
C LYS A 281 6.64 -14.77 8.09
N TYR A 282 6.38 -13.59 7.59
CA TYR A 282 7.09 -12.42 8.06
C TYR A 282 6.90 -12.15 9.55
N ARG A 283 5.68 -12.39 10.02
CA ARG A 283 5.31 -12.12 11.42
C ARG A 283 4.62 -13.26 12.17
N MET B 1 5.72 23.13 4.71
CA MET B 1 5.30 21.68 4.70
C MET B 1 3.86 21.63 4.28
N HIS B 2 3.14 22.40 5.05
CA HIS B 2 1.72 22.68 4.94
C HIS B 2 1.08 21.59 5.95
N LEU B 3 0.70 22.41 6.85
CA LEU B 3 0.26 22.25 8.23
C LEU B 3 -0.14 23.78 8.44
N THR B 4 -1.32 24.03 9.04
CA THR B 4 -1.81 25.36 9.38
C THR B 4 -1.10 25.78 10.69
N PRO B 5 -1.14 27.08 11.03
CA PRO B 5 -0.50 27.57 12.27
C PRO B 5 -0.87 26.76 13.54
N GLU B 6 -2.14 26.36 13.63
CA GLU B 6 -2.64 25.59 14.76
C GLU B 6 -2.08 24.17 14.78
N GLU B 7 -1.87 23.58 13.61
CA GLU B 7 -1.30 22.24 13.54
C GLU B 7 0.17 22.30 13.95
N LYS B 8 0.90 23.34 13.50
CA LYS B 8 2.28 23.43 13.88
C LYS B 8 2.42 23.57 15.41
N SER B 9 1.56 24.36 16.05
CA SER B 9 1.61 24.58 17.51
C SER B 9 1.23 23.32 18.27
N ALA B 10 0.24 22.58 17.77
CA ALA B 10 -0.14 21.35 18.44
C ALA B 10 1.09 20.41 18.41
N VAL B 11 1.76 20.33 17.27
CA VAL B 11 2.92 19.47 17.13
C VAL B 11 4.03 19.86 18.10
N THR B 12 4.43 21.12 18.02
CA THR B 12 5.49 21.69 18.85
C THR B 12 5.25 21.57 20.34
N ALA B 13 4.04 21.90 20.76
CA ALA B 13 3.66 21.86 22.16
C ALA B 13 3.83 20.48 22.75
N LEU B 14 3.35 19.46 22.05
CA LEU B 14 3.46 18.11 22.56
C LEU B 14 4.90 17.65 22.52
N TRP B 15 5.62 18.06 21.49
CA TRP B 15 6.98 17.60 21.38
C TRP B 15 7.87 18.17 22.48
N GLY B 16 7.46 19.29 23.07
CA GLY B 16 8.23 19.90 24.15
C GLY B 16 8.20 19.06 25.40
N LYS B 17 7.23 18.14 25.48
CA LYS B 17 7.10 17.24 26.61
C LYS B 17 7.74 15.86 26.35
N VAL B 18 8.36 15.68 25.18
CA VAL B 18 8.97 14.40 24.83
C VAL B 18 10.42 14.19 25.30
N ASN B 19 10.66 13.09 26.01
CA ASN B 19 12.03 12.75 26.41
C ASN B 19 12.47 12.09 25.11
N VAL B 20 13.25 12.78 24.30
CA VAL B 20 13.67 12.23 23.01
C VAL B 20 14.38 10.89 23.11
N ASP B 21 15.23 10.72 24.13
CA ASP B 21 15.98 9.48 24.31
C ASP B 21 15.05 8.33 24.64
N GLU B 22 14.14 8.55 25.56
CA GLU B 22 13.21 7.48 25.94
C GLU B 22 12.31 7.06 24.78
N VAL B 23 11.66 8.05 24.18
CA VAL B 23 10.74 7.83 23.07
C VAL B 23 11.47 7.25 21.86
N GLY B 24 12.73 7.63 21.70
CA GLY B 24 13.51 7.15 20.58
C GLY B 24 13.77 5.67 20.70
N GLY B 25 14.17 5.26 21.89
CA GLY B 25 14.44 3.86 22.14
C GLY B 25 13.18 3.05 22.06
N GLU B 26 12.08 3.59 22.56
CA GLU B 26 10.78 2.94 22.56
C GLU B 26 10.23 2.73 21.13
N ALA B 27 10.37 3.76 20.31
CA ALA B 27 9.90 3.70 18.95
C ALA B 27 10.74 2.76 18.07
N LEU B 28 12.06 2.80 18.21
CA LEU B 28 12.89 1.92 17.39
C LEU B 28 12.75 0.50 17.87
N GLY B 29 12.63 0.34 19.17
CA GLY B 29 12.44 -0.99 19.70
C GLY B 29 11.12 -1.59 19.23
N ARG B 30 10.02 -0.84 19.33
CA ARG B 30 8.73 -1.34 18.86
C ARG B 30 8.69 -1.59 17.36
N LEU B 31 9.40 -0.77 16.59
CA LEU B 31 9.47 -0.98 15.17
C LEU B 31 10.06 -2.37 14.91
N LEU B 32 11.16 -2.69 15.59
CA LEU B 32 11.82 -3.96 15.43
C LEU B 32 11.01 -5.12 15.94
N VAL B 33 10.14 -4.87 16.91
CA VAL B 33 9.27 -5.90 17.46
C VAL B 33 8.03 -6.10 16.61
N VAL B 34 7.34 -4.99 16.30
CA VAL B 34 6.09 -5.08 15.53
C VAL B 34 6.23 -5.50 14.05
N TYR B 35 7.33 -5.06 13.42
CA TYR B 35 7.65 -5.35 12.02
C TYR B 35 9.07 -5.93 12.04
N PRO B 36 9.21 -7.21 12.42
CA PRO B 36 10.51 -7.88 12.49
C PRO B 36 11.46 -7.79 11.30
N TRP B 37 10.93 -7.62 10.10
CA TRP B 37 11.79 -7.54 8.92
C TRP B 37 12.74 -6.32 8.94
N THR B 38 12.41 -5.32 9.77
CA THR B 38 13.27 -4.13 9.88
C THR B 38 14.56 -4.42 10.65
N GLN B 39 14.63 -5.60 11.27
CA GLN B 39 15.82 -6.01 12.02
C GLN B 39 17.00 -6.27 11.11
N ARG B 40 16.73 -6.43 9.82
CA ARG B 40 17.76 -6.72 8.82
C ARG B 40 18.95 -5.78 8.83
N PHE B 41 18.77 -4.54 9.26
CA PHE B 41 19.88 -3.58 9.26
C PHE B 41 20.66 -3.60 10.54
N PHE B 42 20.15 -4.32 11.54
CA PHE B 42 20.75 -4.28 12.88
C PHE B 42 21.37 -5.53 13.49
N GLU B 43 21.92 -6.40 12.67
CA GLU B 43 22.55 -7.64 13.16
C GLU B 43 23.83 -7.42 13.98
N SER B 44 24.48 -6.28 13.80
CA SER B 44 25.67 -5.97 14.57
C SER B 44 25.29 -5.53 16.01
N PHE B 45 24.01 -5.22 16.21
CA PHE B 45 23.46 -4.75 17.50
C PHE B 45 23.40 -5.82 18.59
N GLY B 46 23.48 -7.09 18.20
CA GLY B 46 23.44 -8.18 19.17
C GLY B 46 22.15 -8.96 19.30
N ASP B 47 21.76 -9.21 20.54
CA ASP B 47 20.54 -9.97 20.87
C ASP B 47 19.25 -9.21 20.55
N LEU B 48 18.45 -9.77 19.63
CA LEU B 48 17.17 -9.17 19.23
C LEU B 48 16.12 -10.27 19.21
N SER B 49 16.39 -11.33 19.96
CA SER B 49 15.53 -12.51 19.99
C SER B 49 14.12 -12.39 20.54
N THR B 50 13.92 -11.51 21.51
CA THR B 50 12.59 -11.37 22.10
C THR B 50 12.24 -9.91 22.26
N PRO B 51 10.96 -9.60 22.53
CA PRO B 51 10.58 -8.20 22.71
C PRO B 51 11.39 -7.57 23.84
N ASP B 52 11.59 -8.31 24.92
CA ASP B 52 12.34 -7.78 26.05
C ASP B 52 13.76 -7.50 25.68
N ALA B 53 14.38 -8.42 24.94
CA ALA B 53 15.76 -8.27 24.51
C ALA B 53 15.95 -7.06 23.58
N VAL B 54 15.01 -6.87 22.65
CA VAL B 54 15.07 -5.73 21.73
C VAL B 54 14.94 -4.44 22.50
N MET B 55 13.97 -4.39 23.42
CA MET B 55 13.71 -3.18 24.19
C MET B 55 14.83 -2.81 25.14
N GLY B 56 15.52 -3.83 25.64
CA GLY B 56 16.63 -3.60 26.56
C GLY B 56 18.01 -3.53 25.92
N ASN B 57 18.08 -3.76 24.62
CA ASN B 57 19.34 -3.74 23.89
C ASN B 57 19.85 -2.31 23.86
N PRO B 58 21.04 -2.08 24.42
CA PRO B 58 21.64 -0.74 24.47
C PRO B 58 22.00 -0.14 23.12
N LYS B 59 22.21 -0.98 22.11
CA LYS B 59 22.52 -0.52 20.77
C LYS B 59 21.24 0.01 20.13
N VAL B 60 20.14 -0.72 20.33
CA VAL B 60 18.83 -0.30 19.81
C VAL B 60 18.46 1.04 20.43
N LYS B 61 18.64 1.16 21.74
CA LYS B 61 18.35 2.41 22.41
C LYS B 61 19.22 3.52 21.85
N ALA B 62 20.53 3.29 21.73
CA ALA B 62 21.46 4.31 21.19
C ALA B 62 21.07 4.72 19.77
N HIS B 63 20.72 3.76 18.94
CA HIS B 63 20.30 4.11 17.59
C HIS B 63 18.97 4.87 17.65
N GLY B 64 18.10 4.48 18.57
CA GLY B 64 16.83 5.15 18.71
C GLY B 64 16.97 6.64 19.00
N LYS B 65 17.90 6.98 19.88
CA LYS B 65 18.16 8.36 20.27
C LYS B 65 18.69 9.14 19.09
N LYS B 66 19.56 8.51 18.32
CA LYS B 66 20.19 9.12 17.16
C LYS B 66 19.13 9.42 16.09
N VAL B 67 18.26 8.45 15.83
CA VAL B 67 17.20 8.59 14.84
C VAL B 67 16.16 9.64 15.28
N LEU B 68 15.67 9.55 16.52
CA LEU B 68 14.71 10.54 16.98
C LEU B 68 15.32 11.91 17.24
N GLY B 69 16.62 11.96 17.49
CA GLY B 69 17.27 13.24 17.68
C GLY B 69 17.24 14.02 16.36
N ALA B 70 17.56 13.33 15.27
CA ALA B 70 17.54 13.92 13.92
C ALA B 70 16.11 14.31 13.52
N PHE B 71 15.14 13.50 13.94
CA PHE B 71 13.72 13.78 13.68
C PHE B 71 13.35 15.04 14.42
N SER B 72 13.78 15.11 15.68
CA SER B 72 13.54 16.23 16.58
C SER B 72 14.05 17.51 15.92
N ASP B 73 15.28 17.46 15.45
CA ASP B 73 15.90 18.61 14.78
C ASP B 73 15.10 19.01 13.50
N GLY B 74 14.45 18.03 12.88
CA GLY B 74 13.65 18.28 11.69
C GLY B 74 12.35 18.99 11.98
N LEU B 75 11.87 18.95 13.23
CA LEU B 75 10.63 19.63 13.63
C LEU B 75 10.81 21.14 13.69
N ALA B 76 12.07 21.56 13.72
CA ALA B 76 12.42 22.97 13.73
C ALA B 76 12.41 23.53 12.29
N HIS B 77 12.42 22.63 11.30
CA HIS B 77 12.43 22.98 9.89
C HIS B 77 11.27 22.37 9.12
N LEU B 78 10.07 22.51 9.67
CA LEU B 78 8.86 21.98 9.05
C LEU B 78 8.60 22.60 7.68
N ASP B 79 9.11 23.81 7.41
CA ASP B 79 8.89 24.46 6.09
C ASP B 79 9.85 23.95 5.03
N ASN B 80 10.92 23.28 5.46
CA ASN B 80 11.92 22.75 4.54
C ASN B 80 12.38 21.35 4.92
N LEU B 81 11.49 20.37 4.95
CA LEU B 81 11.90 19.03 5.32
C LEU B 81 12.81 18.41 4.28
N LYS B 82 12.50 18.60 3.00
CA LYS B 82 13.34 18.01 1.96
C LYS B 82 14.74 18.51 2.02
N GLY B 83 14.89 19.81 2.25
CA GLY B 83 16.24 20.34 2.36
C GLY B 83 17.03 19.83 3.54
N THR B 84 16.37 19.74 4.69
CA THR B 84 16.97 19.29 5.94
C THR B 84 17.40 17.81 5.92
N PHE B 85 16.66 17.00 5.20
CA PHE B 85 16.92 15.57 5.15
C PHE B 85 17.55 15.08 3.85
N ALA B 86 17.97 16.00 2.99
CA ALA B 86 18.57 15.66 1.70
C ALA B 86 19.80 14.79 1.81
N THR B 87 20.74 15.15 2.65
CA THR B 87 21.95 14.35 2.75
C THR B 87 21.70 13.03 3.44
N LEU B 88 20.80 13.03 4.42
CA LEU B 88 20.47 11.78 5.11
C LEU B 88 19.75 10.85 4.12
N SER B 89 18.95 11.43 3.23
CA SER B 89 18.23 10.67 2.24
C SER B 89 19.27 9.96 1.36
N GLU B 90 20.25 10.72 0.87
CA GLU B 90 21.30 10.16 0.01
C GLU B 90 22.08 9.08 0.73
N LEU B 91 22.39 9.31 2.00
CA LEU B 91 23.11 8.35 2.80
C LEU B 91 22.33 7.05 2.95
N HIS B 92 21.04 7.18 3.27
CA HIS B 92 20.23 5.99 3.46
C HIS B 92 20.05 5.19 2.18
N CYS B 93 20.15 5.88 1.06
CA CYS B 93 20.01 5.22 -0.23
C CYS B 93 21.31 4.62 -0.69
N ASP B 94 22.30 5.47 -0.92
CA ASP B 94 23.59 5.03 -1.45
C ASP B 94 24.47 4.16 -0.54
N LYS B 95 24.47 4.44 0.77
CA LYS B 95 25.32 3.67 1.67
C LYS B 95 24.63 2.68 2.58
N LEU B 96 23.46 3.05 3.10
CA LEU B 96 22.76 2.19 4.03
C LEU B 96 21.77 1.23 3.36
N HIS B 97 21.31 1.60 2.16
CA HIS B 97 20.39 0.79 1.37
C HIS B 97 19.10 0.50 2.15
N VAL B 98 18.53 1.54 2.76
CA VAL B 98 17.32 1.40 3.55
C VAL B 98 16.11 1.69 2.66
N ASP B 99 15.23 0.71 2.52
CA ASP B 99 14.00 0.85 1.72
C ASP B 99 13.20 1.93 2.43
N PRO B 100 12.73 2.95 1.70
CA PRO B 100 11.95 4.05 2.29
C PRO B 100 10.69 3.62 3.00
N GLU B 101 10.18 2.43 2.67
CA GLU B 101 9.00 1.94 3.35
C GLU B 101 9.28 1.88 4.86
N ASN B 102 10.53 1.59 5.25
CA ASN B 102 10.91 1.55 6.66
C ASN B 102 10.63 2.87 7.37
N PHE B 103 10.78 4.00 6.69
CA PHE B 103 10.49 5.27 7.31
C PHE B 103 9.00 5.41 7.61
N ARG B 104 8.17 4.86 6.75
CA ARG B 104 6.73 4.93 6.93
C ARG B 104 6.30 4.05 8.08
N LEU B 105 6.96 2.91 8.23
CA LEU B 105 6.66 1.99 9.32
C LEU B 105 7.07 2.66 10.64
N LEU B 106 8.22 3.34 10.64
CA LEU B 106 8.67 4.03 11.84
C LEU B 106 7.65 5.11 12.17
N GLY B 107 7.20 5.83 11.17
CA GLY B 107 6.18 6.84 11.40
C GLY B 107 4.93 6.29 12.10
N LYS B 108 4.40 5.14 11.65
CA LYS B 108 3.20 4.58 12.30
C LYS B 108 3.50 4.24 13.75
N VAL B 109 4.63 3.58 14.00
CA VAL B 109 5.03 3.20 15.35
C VAL B 109 5.23 4.41 16.23
N LEU B 110 5.86 5.45 15.71
CA LEU B 110 6.07 6.67 16.48
C LEU B 110 4.72 7.25 16.91
N VAL B 111 3.73 7.30 16.00
CA VAL B 111 2.39 7.80 16.35
C VAL B 111 1.72 6.94 17.46
N CYS B 112 1.83 5.62 17.37
CA CYS B 112 1.28 4.79 18.42
C CYS B 112 2.00 5.06 19.72
N VAL B 113 3.32 5.29 19.66
CA VAL B 113 4.10 5.58 20.87
C VAL B 113 3.69 6.90 21.53
N LEU B 114 3.46 7.94 20.73
CA LEU B 114 3.01 9.20 21.29
C LEU B 114 1.64 9.02 21.90
N ALA B 115 0.78 8.24 21.26
CA ALA B 115 -0.55 8.03 21.80
C ALA B 115 -0.49 7.27 23.12
N HIS B 116 0.44 6.33 23.25
CA HIS B 116 0.55 5.55 24.49
C HIS B 116 1.11 6.42 25.59
N HIS B 117 2.13 7.18 25.23
CA HIS B 117 2.82 8.08 26.15
C HIS B 117 1.96 9.21 26.72
N PHE B 118 1.12 9.79 25.84
CA PHE B 118 0.27 10.92 26.18
C PHE B 118 -1.20 10.66 26.44
N GLY B 119 -1.70 9.45 26.19
CA GLY B 119 -3.11 9.17 26.43
C GLY B 119 -4.07 10.18 25.81
N LYS B 120 -5.01 10.65 26.63
CA LYS B 120 -6.04 11.58 26.20
C LYS B 120 -5.55 12.89 25.60
N GLU B 121 -4.31 13.24 25.89
CA GLU B 121 -3.77 14.47 25.35
C GLU B 121 -3.49 14.35 23.83
N PHE B 122 -3.35 13.12 23.36
CA PHE B 122 -3.11 12.87 21.92
C PHE B 122 -4.51 12.75 21.28
N THR B 123 -5.14 13.90 21.10
CA THR B 123 -6.50 13.96 20.57
C THR B 123 -6.53 13.67 19.08
N PRO B 124 -7.73 13.40 18.50
CA PRO B 124 -7.75 13.15 17.06
C PRO B 124 -7.11 14.26 16.21
N PRO B 125 -7.33 15.55 16.54
CA PRO B 125 -6.68 16.60 15.73
C PRO B 125 -5.17 16.62 15.91
N VAL B 126 -4.68 16.32 17.10
CA VAL B 126 -3.23 16.30 17.34
C VAL B 126 -2.64 15.15 16.53
N GLN B 127 -3.30 14.01 16.52
CA GLN B 127 -2.81 12.89 15.72
C GLN B 127 -2.74 13.28 14.25
N ALA B 128 -3.80 13.91 13.75
CA ALA B 128 -3.88 14.34 12.37
C ALA B 128 -2.71 15.23 12.01
N ALA B 129 -2.30 16.12 12.90
CA ALA B 129 -1.15 16.99 12.65
C ALA B 129 0.13 16.16 12.60
N TYR B 130 0.27 15.24 13.55
CA TYR B 130 1.42 14.39 13.56
C TYR B 130 1.48 13.45 12.37
N GLN B 131 0.32 13.04 11.84
CA GLN B 131 0.31 12.14 10.68
C GLN B 131 0.89 12.88 9.50
N LYS B 132 0.57 14.16 9.37
CA LYS B 132 1.11 14.92 8.28
C LYS B 132 2.61 15.07 8.46
N VAL B 133 3.06 15.25 9.70
CA VAL B 133 4.47 15.40 9.95
C VAL B 133 5.25 14.12 9.67
N VAL B 134 4.75 12.96 10.09
CA VAL B 134 5.51 11.75 9.82
C VAL B 134 5.51 11.39 8.32
N ALA B 135 4.46 11.74 7.58
CA ALA B 135 4.42 11.44 6.16
C ALA B 135 5.42 12.35 5.44
N GLY B 136 5.48 13.60 5.89
CA GLY B 136 6.40 14.58 5.33
C GLY B 136 7.84 14.19 5.56
N VAL B 137 8.17 13.80 6.78
CA VAL B 137 9.52 13.38 7.08
C VAL B 137 9.91 12.15 6.25
N ALA B 138 9.02 11.16 6.12
CA ALA B 138 9.31 9.96 5.34
C ALA B 138 9.49 10.29 3.86
N ASN B 139 8.71 11.24 3.35
CA ASN B 139 8.82 11.68 1.95
C ASN B 139 10.15 12.39 1.73
N ALA B 140 10.53 13.24 2.68
CA ALA B 140 11.80 13.93 2.56
C ALA B 140 12.98 12.97 2.58
N LEU B 141 12.95 11.96 3.44
CA LEU B 141 14.04 11.01 3.51
C LEU B 141 14.12 10.10 2.28
N ALA B 142 13.01 9.97 1.57
CA ALA B 142 12.99 9.10 0.41
C ALA B 142 13.24 9.87 -0.87
N HIS B 143 13.19 11.20 -0.78
CA HIS B 143 13.32 12.07 -1.93
C HIS B 143 14.55 11.92 -2.85
N LYS B 144 15.69 11.55 -2.28
CA LYS B 144 16.93 11.42 -3.02
C LYS B 144 17.24 10.01 -3.49
N TYR B 145 16.31 9.10 -3.28
CA TYR B 145 16.50 7.75 -3.73
C TYR B 145 16.44 7.73 -5.25
N HIS B 146 17.34 6.96 -5.82
CA HIS B 146 17.48 6.82 -7.24
C HIS B 146 17.99 5.41 -7.47
N MET C 1 6.45 19.13 -12.37
CA MET C 1 6.68 17.67 -12.15
C MET C 1 7.83 17.42 -13.16
N HIS C 2 9.02 17.17 -12.63
CA HIS C 2 10.24 17.01 -13.45
C HIS C 2 10.52 15.67 -14.14
N LEU C 3 10.64 15.72 -15.48
CA LEU C 3 10.99 14.53 -16.27
C LEU C 3 12.32 14.83 -17.01
N THR C 4 13.23 13.84 -17.16
CA THR C 4 14.44 14.10 -17.90
C THR C 4 14.04 14.19 -19.35
N PRO C 5 14.89 14.80 -20.18
CA PRO C 5 14.59 14.93 -21.60
C PRO C 5 14.21 13.59 -22.25
N GLU C 6 14.96 12.53 -21.93
CA GLU C 6 14.68 11.22 -22.50
C GLU C 6 13.31 10.66 -22.06
N GLU C 7 12.92 10.93 -20.82
CA GLU C 7 11.65 10.48 -20.29
C GLU C 7 10.49 11.24 -20.91
N LYS C 8 10.63 12.53 -21.14
CA LYS C 8 9.55 13.27 -21.74
C LYS C 8 9.40 12.90 -23.21
N SER C 9 10.50 12.74 -23.91
CA SER C 9 10.39 12.38 -25.31
C SER C 9 9.86 10.98 -25.46
N ALA C 10 10.14 10.09 -24.51
CA ALA C 10 9.64 8.70 -24.56
C ALA C 10 8.12 8.71 -24.46
N VAL C 11 7.60 9.51 -23.51
CA VAL C 11 6.17 9.66 -23.23
C VAL C 11 5.42 10.27 -24.40
N THR C 12 5.95 11.38 -24.89
CA THR C 12 5.36 12.09 -26.00
C THR C 12 5.37 11.27 -27.27
N ALA C 13 6.52 10.71 -27.61
CA ALA C 13 6.61 9.92 -28.83
C ALA C 13 5.57 8.80 -28.86
N LEU C 14 5.40 8.14 -27.74
CA LEU C 14 4.47 7.04 -27.67
C LEU C 14 3.02 7.48 -27.73
N TRP C 15 2.71 8.55 -27.01
CA TRP C 15 1.35 9.03 -26.97
C TRP C 15 0.79 9.46 -28.32
N GLY C 16 1.67 9.85 -29.25
CA GLY C 16 1.23 10.23 -30.59
C GLY C 16 0.64 9.09 -31.39
N LYS C 17 0.97 7.86 -31.03
CA LYS C 17 0.46 6.69 -31.71
C LYS C 17 -0.78 6.13 -31.00
N VAL C 18 -1.21 6.77 -29.91
CA VAL C 18 -2.35 6.29 -29.17
C VAL C 18 -3.69 6.82 -29.63
N ASN C 19 -4.61 5.90 -29.94
CA ASN C 19 -5.97 6.27 -30.32
C ASN C 19 -6.68 6.36 -28.99
N VAL C 20 -6.84 7.56 -28.47
CA VAL C 20 -7.46 7.78 -27.18
C VAL C 20 -8.80 7.12 -26.95
N ASP C 21 -9.66 7.10 -27.98
CA ASP C 21 -10.99 6.51 -27.91
C ASP C 21 -10.86 5.03 -27.61
N GLU C 22 -9.99 4.38 -28.37
CA GLU C 22 -9.74 2.95 -28.25
C GLU C 22 -9.03 2.54 -26.94
N VAL C 23 -7.98 3.26 -26.59
CA VAL C 23 -7.21 2.95 -25.38
C VAL C 23 -7.97 3.29 -24.14
N GLY C 24 -8.79 4.34 -24.23
CA GLY C 24 -9.60 4.76 -23.10
C GLY C 24 -10.63 3.74 -22.71
N GLY C 25 -11.32 3.19 -23.71
CA GLY C 25 -12.34 2.17 -23.45
C GLY C 25 -11.73 0.92 -22.91
N GLU C 26 -10.56 0.58 -23.42
CA GLU C 26 -9.83 -0.59 -22.99
C GLU C 26 -9.44 -0.47 -21.52
N ALA C 27 -8.78 0.63 -21.15
CA ALA C 27 -8.32 0.88 -19.78
C ALA C 27 -9.44 0.95 -18.77
N LEU C 28 -10.50 1.67 -19.06
CA LEU C 28 -11.59 1.75 -18.12
C LEU C 28 -12.27 0.39 -18.00
N GLY C 29 -12.41 -0.31 -19.13
CA GLY C 29 -13.04 -1.63 -19.12
C GLY C 29 -12.24 -2.61 -18.28
N ARG C 30 -10.93 -2.68 -18.50
CA ARG C 30 -10.07 -3.56 -17.72
C ARG C 30 -10.04 -3.17 -16.25
N LEU C 31 -10.12 -1.88 -15.93
CA LEU C 31 -10.13 -1.48 -14.54
C LEU C 31 -11.34 -2.11 -13.86
N LEU C 32 -12.48 -2.06 -14.53
CA LEU C 32 -13.71 -2.59 -13.98
C LEU C 32 -13.70 -4.10 -13.87
N VAL C 33 -12.94 -4.76 -14.73
CA VAL C 33 -12.88 -6.22 -14.72
C VAL C 33 -11.84 -6.68 -13.70
N VAL C 34 -10.65 -6.12 -13.78
CA VAL C 34 -9.57 -6.50 -12.87
C VAL C 34 -9.77 -6.09 -11.42
N TYR C 35 -10.40 -4.94 -11.18
CA TYR C 35 -10.67 -4.45 -9.83
C TYR C 35 -12.15 -4.15 -9.80
N PRO C 36 -12.98 -5.18 -9.68
CA PRO C 36 -14.43 -4.94 -9.69
C PRO C 36 -15.07 -4.01 -8.70
N TRP C 37 -14.44 -3.72 -7.58
CA TRP C 37 -15.05 -2.83 -6.60
C TRP C 37 -15.16 -1.43 -7.16
N THR C 38 -14.45 -1.17 -8.26
CA THR C 38 -14.46 0.13 -8.90
C THR C 38 -15.79 0.37 -9.63
N GLN C 39 -16.58 -0.71 -9.78
CA GLN C 39 -17.87 -0.64 -10.44
C GLN C 39 -18.90 0.10 -9.61
N ARG C 40 -18.58 0.35 -8.34
CA ARG C 40 -19.49 1.04 -7.44
C ARG C 40 -19.83 2.44 -7.93
N PHE C 41 -18.99 2.99 -8.80
CA PHE C 41 -19.22 4.34 -9.31
C PHE C 41 -20.00 4.34 -10.62
N PHE C 42 -20.27 3.18 -11.20
CA PHE C 42 -20.92 3.11 -12.49
C PHE C 42 -22.18 2.27 -12.55
N GLU C 43 -22.98 2.30 -11.49
CA GLU C 43 -24.24 1.55 -11.41
C GLU C 43 -25.19 1.83 -12.56
N SER C 44 -25.17 3.05 -13.07
CA SER C 44 -26.03 3.43 -14.16
C SER C 44 -25.51 3.10 -15.53
N PHE C 45 -24.37 2.43 -15.59
CA PHE C 45 -23.77 2.10 -16.86
C PHE C 45 -24.35 0.88 -17.52
N GLY C 46 -25.20 0.17 -16.78
CA GLY C 46 -25.81 -1.00 -17.37
C GLY C 46 -25.23 -2.32 -16.94
N ASP C 47 -25.01 -3.18 -17.94
CA ASP C 47 -24.50 -4.54 -17.71
C ASP C 47 -22.99 -4.53 -17.58
N LEU C 48 -22.54 -4.86 -16.38
CA LEU C 48 -21.12 -4.93 -16.04
C LEU C 48 -20.79 -6.28 -15.42
N SER C 49 -21.67 -7.27 -15.62
CA SER C 49 -21.53 -8.62 -15.04
C SER C 49 -20.34 -9.46 -15.52
N THR C 50 -20.07 -9.46 -16.81
CA THR C 50 -18.96 -10.26 -17.32
C THR C 50 -17.96 -9.41 -18.10
N PRO C 51 -16.73 -9.91 -18.25
CA PRO C 51 -15.70 -9.17 -18.99
C PRO C 51 -16.18 -8.70 -20.35
N ASP C 52 -16.91 -9.55 -21.06
CA ASP C 52 -17.39 -9.19 -22.38
C ASP C 52 -18.50 -8.18 -22.28
N ALA C 53 -19.25 -8.23 -21.19
CA ALA C 53 -20.31 -7.26 -20.94
C ALA C 53 -19.70 -5.87 -20.71
N VAL C 54 -18.68 -5.82 -19.86
CA VAL C 54 -17.99 -4.57 -19.54
C VAL C 54 -17.27 -4.00 -20.75
N MET C 55 -16.52 -4.85 -21.44
CA MET C 55 -15.74 -4.44 -22.59
C MET C 55 -16.52 -3.94 -23.81
N GLY C 56 -17.77 -4.36 -23.94
CA GLY C 56 -18.58 -3.92 -25.07
C GLY C 56 -19.66 -2.91 -24.71
N ASN C 57 -19.78 -2.61 -23.42
CA ASN C 57 -20.77 -1.67 -22.92
C ASN C 57 -20.45 -0.29 -23.52
N PRO C 58 -21.35 0.24 -24.32
CA PRO C 58 -21.12 1.54 -24.94
C PRO C 58 -20.83 2.69 -23.98
N LYS C 59 -21.42 2.66 -22.78
CA LYS C 59 -21.20 3.72 -21.79
C LYS C 59 -19.80 3.68 -21.16
N VAL C 60 -19.25 2.46 -21.03
CA VAL C 60 -17.91 2.26 -20.50
C VAL C 60 -16.93 2.84 -21.51
N LYS C 61 -17.14 2.48 -22.78
CA LYS C 61 -16.29 2.97 -23.87
C LYS C 61 -16.37 4.50 -23.92
N ALA C 62 -17.59 5.03 -23.86
CA ALA C 62 -17.81 6.48 -23.91
C ALA C 62 -17.11 7.18 -22.77
N HIS C 63 -17.19 6.59 -21.60
CA HIS C 63 -16.56 7.19 -20.44
C HIS C 63 -15.05 7.07 -20.51
N GLY C 64 -14.56 5.92 -20.94
CA GLY C 64 -13.12 5.77 -21.05
C GLY C 64 -12.52 6.81 -21.98
N LYS C 65 -13.23 7.15 -23.05
CA LYS C 65 -12.77 8.14 -24.00
C LYS C 65 -12.68 9.53 -23.35
N LYS C 66 -13.63 9.82 -22.48
CA LYS C 66 -13.68 11.10 -21.77
C LYS C 66 -12.50 11.16 -20.80
N VAL C 67 -12.30 10.06 -20.08
CA VAL C 67 -11.24 9.97 -19.10
C VAL C 67 -9.85 10.10 -19.73
N LEU C 68 -9.54 9.32 -20.76
CA LEU C 68 -8.21 9.38 -21.37
C LEU C 68 -8.03 10.65 -22.13
N GLY C 69 -9.16 11.23 -22.56
CA GLY C 69 -9.17 12.49 -23.27
C GLY C 69 -8.58 13.52 -22.33
N ALA C 70 -9.07 13.56 -21.09
CA ALA C 70 -8.61 14.50 -20.05
C ALA C 70 -7.15 14.20 -19.63
N PHE C 71 -6.82 12.93 -19.63
CA PHE C 71 -5.48 12.48 -19.30
C PHE C 71 -4.55 13.03 -20.39
N SER C 72 -4.97 12.94 -21.65
CA SER C 72 -4.16 13.43 -22.77
C SER C 72 -3.84 14.89 -22.60
N ASP C 73 -4.85 15.66 -22.17
CA ASP C 73 -4.71 17.09 -21.92
C ASP C 73 -3.61 17.34 -20.89
N GLY C 74 -3.54 16.48 -19.87
CA GLY C 74 -2.50 16.63 -18.86
C GLY C 74 -1.12 16.39 -19.40
N LEU C 75 -0.98 15.55 -20.42
CA LEU C 75 0.33 15.26 -21.01
C LEU C 75 0.92 16.51 -21.61
N ALA C 76 0.06 17.38 -22.12
CA ALA C 76 0.48 18.63 -22.73
C ALA C 76 0.87 19.66 -21.68
N HIS C 77 0.62 19.34 -20.41
CA HIS C 77 0.93 20.22 -19.30
C HIS C 77 1.67 19.46 -18.21
N LEU C 78 2.67 18.67 -18.61
CA LEU C 78 3.43 17.87 -17.66
C LEU C 78 4.11 18.71 -16.62
N ASP C 79 4.38 19.97 -16.91
CA ASP C 79 5.02 20.82 -15.92
C ASP C 79 4.08 21.28 -14.77
N ASN C 80 2.79 21.36 -15.03
CA ASN C 80 1.87 21.74 -13.97
C ASN C 80 0.61 20.85 -13.93
N LEU C 81 0.79 19.63 -13.45
CA LEU C 81 -0.31 18.69 -13.33
C LEU C 81 -1.34 19.14 -12.28
N LYS C 82 -0.85 19.62 -11.14
CA LYS C 82 -1.77 20.08 -10.11
C LYS C 82 -2.74 21.15 -10.62
N GLY C 83 -2.21 22.19 -11.24
CA GLY C 83 -3.05 23.25 -11.76
C GLY C 83 -4.03 22.77 -12.81
N THR C 84 -3.59 21.92 -13.74
CA THR C 84 -4.44 21.38 -14.82
C THR C 84 -5.62 20.54 -14.31
N PHE C 85 -5.39 19.74 -13.28
CA PHE C 85 -6.43 18.86 -12.75
C PHE C 85 -7.23 19.34 -11.54
N ALA C 86 -6.93 20.53 -11.01
CA ALA C 86 -7.65 21.06 -9.82
C ALA C 86 -9.17 21.03 -9.89
N THR C 87 -9.74 21.45 -11.01
CA THR C 87 -11.19 21.44 -11.14
C THR C 87 -11.71 20.02 -11.07
N LEU C 88 -11.15 19.13 -11.89
CA LEU C 88 -11.57 17.74 -11.85
C LEU C 88 -11.27 17.11 -10.48
N SER C 89 -10.20 17.54 -9.82
CA SER C 89 -9.87 17.00 -8.47
C SER C 89 -11.03 17.31 -7.50
N GLU C 90 -11.45 18.58 -7.46
CA GLU C 90 -12.55 18.98 -6.60
C GLU C 90 -13.82 18.26 -6.98
N LEU C 91 -14.00 18.02 -8.26
CA LEU C 91 -15.22 17.39 -8.73
C LEU C 91 -15.27 15.93 -8.27
N HIS C 92 -14.12 15.26 -8.37
CA HIS C 92 -14.02 13.85 -7.99
C HIS C 92 -14.18 13.72 -6.50
N CYS C 93 -13.76 14.72 -5.74
CA CYS C 93 -13.93 14.68 -4.30
C CYS C 93 -15.34 15.05 -3.83
N ASP C 94 -15.74 16.28 -4.13
CA ASP C 94 -17.02 16.84 -3.65
C ASP C 94 -18.30 16.31 -4.21
N LYS C 95 -18.39 16.11 -5.51
CA LYS C 95 -19.63 15.62 -6.07
C LYS C 95 -19.66 14.13 -6.38
N LEU C 96 -18.52 13.57 -6.77
CA LEU C 96 -18.48 12.16 -7.13
C LEU C 96 -18.08 11.23 -5.99
N HIS C 97 -17.32 11.75 -5.01
CA HIS C 97 -16.87 10.93 -3.86
C HIS C 97 -16.03 9.71 -4.27
N VAL C 98 -15.09 9.93 -5.19
CA VAL C 98 -14.22 8.86 -5.71
C VAL C 98 -12.95 8.78 -4.87
N ASP C 99 -12.76 7.65 -4.20
CA ASP C 99 -11.56 7.43 -3.41
C ASP C 99 -10.38 7.60 -4.35
N PRO C 100 -9.40 8.45 -4.00
CA PRO C 100 -8.25 8.64 -4.90
C PRO C 100 -7.46 7.39 -5.21
N GLU C 101 -7.59 6.35 -4.40
CA GLU C 101 -6.88 5.13 -4.69
C GLU C 101 -7.29 4.58 -6.08
N ASN C 102 -8.48 4.96 -6.58
CA ASN C 102 -8.95 4.51 -7.89
C ASN C 102 -8.09 5.06 -9.01
N PHE C 103 -7.47 6.21 -8.79
CA PHE C 103 -6.60 6.83 -9.77
C PHE C 103 -5.32 6.06 -9.92
N ARG C 104 -4.84 5.48 -8.82
CA ARG C 104 -3.66 4.71 -8.86
C ARG C 104 -3.96 3.40 -9.63
N LEU C 105 -5.11 2.80 -9.37
CA LEU C 105 -5.44 1.58 -10.00
C LEU C 105 -5.59 1.81 -11.49
N LEU C 106 -6.23 2.90 -11.87
CA LEU C 106 -6.36 3.17 -13.32
C LEU C 106 -4.96 3.34 -13.96
N GLY C 107 -4.03 3.95 -13.22
CA GLY C 107 -2.66 4.15 -13.69
C GLY C 107 -2.00 2.81 -13.98
N LYS C 108 -2.18 1.83 -13.08
CA LYS C 108 -1.57 0.50 -13.26
C LYS C 108 -2.12 -0.16 -14.51
N VAL C 109 -3.44 -0.11 -14.62
CA VAL C 109 -4.07 -0.70 -15.74
C VAL C 109 -3.65 -0.03 -17.04
N LEU C 110 -3.60 1.29 -17.08
CA LEU C 110 -3.22 1.96 -18.31
C LEU C 110 -1.81 1.51 -18.74
N VAL C 111 -0.90 1.33 -17.79
CA VAL C 111 0.46 0.89 -18.13
C VAL C 111 0.38 -0.51 -18.77
N CYS C 112 -0.48 -1.37 -18.22
CA CYS C 112 -0.66 -2.70 -18.78
C CYS C 112 -1.24 -2.64 -20.18
N VAL C 113 -2.16 -1.70 -20.40
CA VAL C 113 -2.80 -1.55 -21.71
C VAL C 113 -1.78 -1.04 -22.74
N LEU C 114 -0.92 -0.11 -22.35
CA LEU C 114 0.09 0.42 -23.26
C LEU C 114 1.10 -0.67 -23.63
N ALA C 115 1.53 -1.48 -22.66
CA ALA C 115 2.45 -2.57 -22.91
C ALA C 115 1.76 -3.56 -23.85
N HIS C 116 0.47 -3.84 -23.60
CA HIS C 116 -0.25 -4.78 -24.42
C HIS C 116 -0.39 -4.33 -25.84
N HIS C 117 -0.74 -3.08 -26.00
CA HIS C 117 -0.93 -2.51 -27.31
C HIS C 117 0.37 -2.34 -28.13
N PHE C 118 1.42 -1.81 -27.51
CA PHE C 118 2.71 -1.55 -28.16
C PHE C 118 3.75 -2.64 -28.15
N GLY C 119 3.58 -3.64 -27.31
CA GLY C 119 4.52 -4.73 -27.23
C GLY C 119 5.94 -4.32 -26.94
N LYS C 120 6.86 -4.84 -27.76
CA LYS C 120 8.28 -4.59 -27.65
C LYS C 120 8.63 -3.11 -27.56
N GLU C 121 7.84 -2.25 -28.18
CA GLU C 121 8.09 -0.81 -28.15
C GLU C 121 8.01 -0.17 -26.75
N PHE C 122 7.18 -0.74 -25.87
CA PHE C 122 7.02 -0.25 -24.50
C PHE C 122 8.16 -0.85 -23.68
N THR C 123 9.36 -0.33 -23.88
CA THR C 123 10.55 -0.83 -23.22
C THR C 123 10.60 -0.43 -21.75
N PRO C 124 11.48 -1.06 -20.98
CA PRO C 124 11.60 -0.74 -19.56
C PRO C 124 11.78 0.76 -19.31
N PRO C 125 12.68 1.46 -20.04
CA PRO C 125 12.85 2.90 -19.79
C PRO C 125 11.59 3.69 -20.13
N VAL C 126 10.85 3.25 -21.15
CA VAL C 126 9.60 3.94 -21.51
C VAL C 126 8.56 3.70 -20.44
N GLN C 127 8.48 2.47 -19.92
CA GLN C 127 7.51 2.21 -18.87
C GLN C 127 7.81 3.05 -17.67
N ALA C 128 9.10 3.13 -17.31
CA ALA C 128 9.52 3.91 -16.15
C ALA C 128 9.10 5.35 -16.31
N ALA C 129 9.16 5.90 -17.53
CA ALA C 129 8.74 7.29 -17.77
C ALA C 129 7.22 7.38 -17.60
N TYR C 130 6.49 6.37 -18.10
CA TYR C 130 5.04 6.35 -17.93
C TYR C 130 4.60 6.13 -16.49
N GLN C 131 5.40 5.43 -15.69
CA GLN C 131 5.05 5.23 -14.28
C GLN C 131 5.12 6.56 -13.55
N LYS C 132 6.08 7.42 -13.90
CA LYS C 132 6.20 8.73 -13.26
C LYS C 132 5.01 9.59 -13.60
N VAL C 133 4.56 9.48 -14.86
CA VAL C 133 3.42 10.23 -15.37
C VAL C 133 2.10 9.84 -14.74
N VAL C 134 1.78 8.55 -14.67
CA VAL C 134 0.51 8.13 -14.07
C VAL C 134 0.48 8.42 -12.53
N ALA C 135 1.63 8.28 -11.84
CA ALA C 135 1.72 8.60 -10.44
C ALA C 135 1.50 10.11 -10.28
N GLY C 136 2.03 10.93 -11.19
CA GLY C 136 1.87 12.37 -11.12
C GLY C 136 0.43 12.80 -11.34
N VAL C 137 -0.20 12.18 -12.32
CA VAL C 137 -1.58 12.48 -12.64
C VAL C 137 -2.49 12.06 -11.48
N ALA C 138 -2.23 10.90 -10.90
CA ALA C 138 -3.03 10.44 -9.78
C ALA C 138 -2.88 11.40 -8.59
N ASN C 139 -1.66 11.86 -8.32
CA ASN C 139 -1.43 12.79 -7.21
C ASN C 139 -2.10 14.11 -7.47
N ALA C 140 -2.08 14.53 -8.74
CA ALA C 140 -2.73 15.78 -9.16
C ALA C 140 -4.25 15.69 -9.01
N LEU C 141 -4.86 14.53 -9.22
CA LEU C 141 -6.31 14.37 -9.06
C LEU C 141 -6.76 14.23 -7.61
N ALA C 142 -5.87 13.79 -6.74
CA ALA C 142 -6.16 13.63 -5.32
C ALA C 142 -5.81 14.89 -4.51
N HIS C 143 -5.07 15.81 -5.13
CA HIS C 143 -4.62 17.03 -4.46
C HIS C 143 -5.66 17.88 -3.75
N LYS C 144 -6.86 18.00 -4.33
CA LYS C 144 -7.92 18.83 -3.71
C LYS C 144 -8.91 18.09 -2.79
N TYR C 145 -8.59 16.86 -2.40
CA TYR C 145 -9.44 16.11 -1.51
C TYR C 145 -9.24 16.66 -0.12
N HIS C 146 -10.31 16.67 0.65
CA HIS C 146 -10.32 17.21 2.02
C HIS C 146 -11.46 16.53 2.78
#